data_3S8I
#
_entry.id   3S8I
#
_cell.length_a   80.981
_cell.length_b   41.040
_cell.length_c   88.975
_cell.angle_alpha   90.00
_cell.angle_beta   107.62
_cell.angle_gamma   90.00
#
_symmetry.space_group_name_H-M   'C 1 2 1'
#
loop_
_entity.id
_entity.type
_entity.pdbx_description
1 polymer 'Protein DDI1 homolog 1'
2 non-polymer 'PHOSPHATE ION'
3 non-polymer 1,2-ETHANEDIOL
4 non-polymer 'UNKNOWN ATOM OR ION'
5 non-polymer DI(HYDROXYETHYL)ETHER
6 water water
#
_entity_poly.entity_id   1
_entity_poly.type   'polypeptide(L)'
_entity_poly.pdbx_seq_one_letter_code
;MGSSHHHHHHSSGLVPRGSGQVTMLYINCKVNGHPLKAFVDSGAQMTIMSQACAERCNIMRLVDRRWAGVAKGVGTQRII
GRVHLAQIQIEGDFLQCSFSILEDQPMDMLLGLDMLRRHQCSIDLKKNVLVIGTTGTQTYFLPEGELP
;
_entity_poly.pdbx_strand_id   A,B
#
loop_
_chem_comp.id
_chem_comp.type
_chem_comp.name
_chem_comp.formula
EDO non-polymer 1,2-ETHANEDIOL 'C2 H6 O2'
PEG non-polymer DI(HYDROXYETHYL)ETHER 'C4 H10 O3'
PO4 non-polymer 'PHOSPHATE ION' 'O4 P -3'
UNX non-polymer 'UNKNOWN ATOM OR ION' ?
#
# COMPACT_ATOMS: atom_id res chain seq x y z
N VAL A 22 3.17 -10.62 -10.67
CA VAL A 22 2.91 -10.09 -9.30
C VAL A 22 1.41 -9.79 -9.08
N THR A 23 0.76 -10.64 -8.30
CA THR A 23 -0.68 -10.51 -8.06
C THR A 23 -0.93 -9.40 -7.03
N MET A 24 -1.78 -8.41 -7.38
CA MET A 24 -2.09 -7.33 -6.46
C MET A 24 -2.95 -7.84 -5.28
N LEU A 25 -3.01 -7.05 -4.22
CA LEU A 25 -3.69 -7.51 -2.98
C LEU A 25 -5.13 -7.01 -2.94
N TYR A 26 -6.04 -7.96 -2.84
CA TYR A 26 -7.47 -7.65 -2.66
C TYR A 26 -7.97 -8.57 -1.58
N ILE A 27 -9.01 -8.10 -0.89
CA ILE A 27 -9.71 -8.97 0.08
C ILE A 27 -11.21 -8.94 -0.21
N ASN A 28 -11.91 -9.98 0.26
CA ASN A 28 -13.38 -9.90 0.27
C ASN A 28 -13.82 -9.13 1.51
N CYS A 29 -14.87 -8.33 1.34
CA CYS A 29 -15.55 -7.71 2.48
C CYS A 29 -16.97 -7.40 2.11
N LYS A 30 -17.75 -6.98 3.10
CA LYS A 30 -19.12 -6.58 2.83
C LYS A 30 -19.37 -5.23 3.45
N VAL A 31 -20.24 -4.46 2.81
CA VAL A 31 -20.75 -3.22 3.42
C VAL A 31 -22.28 -3.25 3.33
N ASN A 32 -22.94 -3.13 4.47
CA ASN A 32 -24.42 -3.20 4.52
C ASN A 32 -24.92 -4.48 3.90
N GLY A 33 -24.14 -5.55 4.08
CA GLY A 33 -24.50 -6.90 3.60
C GLY A 33 -24.15 -7.20 2.15
N HIS A 34 -23.64 -6.19 1.44
CA HIS A 34 -23.32 -6.35 0.02
C HIS A 34 -21.84 -6.67 -0.15
N PRO A 35 -21.53 -7.75 -0.89
CA PRO A 35 -20.12 -8.16 -1.03
C PRO A 35 -19.37 -7.24 -2.00
N LEU A 36 -18.11 -6.99 -1.67
CA LEU A 36 -17.23 -6.31 -2.61
C LEU A 36 -15.79 -6.80 -2.45
N LYS A 37 -14.95 -6.45 -3.41
CA LYS A 37 -13.53 -6.77 -3.36
C LYS A 37 -12.74 -5.48 -3.20
N ALA A 38 -11.95 -5.39 -2.13
CA ALA A 38 -11.24 -4.14 -1.80
C ALA A 38 -9.75 -4.27 -2.07
N PHE A 39 -9.19 -3.26 -2.72
CA PHE A 39 -7.77 -3.20 -3.05
C PHE A 39 -6.99 -2.69 -1.85
N VAL A 40 -5.96 -3.42 -1.46
CA VAL A 40 -5.21 -3.07 -0.24
C VAL A 40 -3.92 -2.32 -0.63
N ASP A 41 -3.92 -1.02 -0.35
CA ASP A 41 -2.88 -0.10 -0.88
C ASP A 41 -2.24 0.73 0.25
N SER A 42 -1.14 0.20 0.79
CA SER A 42 -0.46 0.90 1.89
C SER A 42 0.10 2.27 1.49
N GLY A 43 0.24 2.52 0.19
CA GLY A 43 0.72 3.80 -0.33
C GLY A 43 -0.34 4.87 -0.58
N ALA A 44 -1.58 4.54 -0.27
CA ALA A 44 -2.68 5.52 -0.42
C ALA A 44 -2.99 6.09 0.95
N GLN A 45 -3.13 7.40 1.05
CA GLN A 45 -3.45 7.99 2.34
C GLN A 45 -4.90 7.73 2.75
N MET A 46 -5.80 7.78 1.78
CA MET A 46 -7.25 7.75 2.05
C MET A 46 -7.91 6.50 1.52
N THR A 47 -8.82 5.95 2.33
CA THR A 47 -9.73 4.90 1.88
C THR A 47 -10.87 5.50 1.07
N ILE A 48 -11.18 4.91 -0.08
CA ILE A 48 -12.15 5.51 -1.04
C ILE A 48 -13.05 4.43 -1.62
N MET A 49 -14.36 4.69 -1.61
CA MET A 49 -15.32 3.79 -2.27
C MET A 49 -15.83 4.52 -3.50
N SER A 50 -16.06 3.80 -4.59
CA SER A 50 -16.67 4.46 -5.74
C SER A 50 -18.14 4.83 -5.50
N GLN A 51 -18.62 5.85 -6.21
CA GLN A 51 -20.03 6.23 -6.07
C GLN A 51 -20.90 5.03 -6.49
N ALA A 52 -20.53 4.36 -7.59
CA ALA A 52 -21.31 3.18 -8.01
C ALA A 52 -21.42 2.12 -6.91
N CYS A 53 -20.32 1.88 -6.19
CA CYS A 53 -20.34 0.89 -5.10
C CYS A 53 -21.17 1.41 -3.92
N ALA A 54 -21.06 2.70 -3.63
CA ALA A 54 -21.91 3.24 -2.54
C ALA A 54 -23.40 3.10 -2.86
N GLU A 55 -23.77 3.33 -4.12
CA GLU A 55 -25.15 3.07 -4.60
C GLU A 55 -25.57 1.59 -4.50
N ARG A 56 -24.67 0.71 -4.95
CA ARG A 56 -24.97 -0.72 -4.90
C ARG A 56 -25.13 -1.21 -3.46
N CYS A 57 -24.29 -0.68 -2.57
CA CYS A 57 -24.36 -1.07 -1.15
C CYS A 57 -25.54 -0.38 -0.42
N ASN A 58 -26.24 0.52 -1.12
CA ASN A 58 -27.39 1.23 -0.59
C ASN A 58 -26.99 2.07 0.64
N ILE A 59 -25.84 2.74 0.56
CA ILE A 59 -25.38 3.60 1.65
C ILE A 59 -25.28 5.07 1.32
N MET A 60 -26.00 5.50 0.30
CA MET A 60 -25.96 6.96 0.00
C MET A 60 -26.46 7.80 1.16
N ARG A 61 -27.34 7.25 2.00
CA ARG A 61 -27.79 7.99 3.21
C ARG A 61 -26.66 8.32 4.15
N LEU A 62 -25.52 7.62 4.03
CA LEU A 62 -24.39 7.90 4.91
C LEU A 62 -23.38 8.91 4.34
N VAL A 63 -23.63 9.37 3.13
CA VAL A 63 -22.66 10.18 2.42
C VAL A 63 -22.89 11.65 2.74
N ASP A 64 -21.98 12.20 3.53
CA ASP A 64 -22.02 13.61 4.00
C ASP A 64 -21.39 14.50 2.97
N ARG A 65 -22.21 15.29 2.29
CA ARG A 65 -21.75 16.10 1.19
C ARG A 65 -20.98 17.37 1.64
N ARG A 66 -20.91 17.63 2.95
N ARG A 66 -20.90 17.60 2.95
CA ARG A 66 -20.02 18.68 3.48
CA ARG A 66 -20.03 18.66 3.54
C ARG A 66 -18.59 18.45 3.01
C ARG A 66 -18.55 18.44 3.25
N TRP A 67 -18.18 17.19 2.97
CA TRP A 67 -16.79 16.81 2.66
C TRP A 67 -16.57 16.51 1.18
N ALA A 68 -17.40 17.10 0.32
CA ALA A 68 -17.19 17.10 -1.12
C ALA A 68 -15.98 17.94 -1.55
N GLY A 69 -15.30 17.50 -2.61
CA GLY A 69 -14.13 18.21 -3.12
C GLY A 69 -13.68 17.61 -4.45
N VAL A 70 -12.42 17.84 -4.80
CA VAL A 70 -11.83 17.26 -6.01
C VAL A 70 -10.51 16.57 -5.63
N ALA A 71 -10.40 15.28 -5.94
CA ALA A 71 -9.19 14.51 -5.59
C ALA A 71 -8.02 14.76 -6.55
N LYS A 72 -6.82 14.34 -6.15
CA LYS A 72 -5.64 14.41 -7.02
C LYS A 72 -5.81 13.48 -8.22
N GLY A 73 -5.23 13.88 -9.36
CA GLY A 73 -5.40 13.16 -10.62
C GLY A 73 -6.19 13.98 -11.62
N GLN A 77 -12.43 14.29 -11.32
CA GLN A 77 -12.23 13.50 -10.07
C GLN A 77 -13.05 14.04 -8.89
N ARG A 78 -14.39 14.04 -8.99
CA ARG A 78 -15.17 14.60 -7.89
C ARG A 78 -15.31 13.64 -6.72
N ILE A 79 -14.93 14.13 -5.53
CA ILE A 79 -15.29 13.47 -4.26
C ILE A 79 -16.65 14.04 -3.92
N ILE A 80 -17.61 13.11 -3.83
N ILE A 80 -17.66 13.18 -3.84
CA ILE A 80 -19.04 13.37 -3.66
CA ILE A 80 -18.98 13.73 -3.60
C ILE A 80 -19.42 13.65 -2.21
C ILE A 80 -19.28 13.92 -2.14
N GLY A 81 -18.58 13.18 -1.29
CA GLY A 81 -18.83 13.31 0.14
C GLY A 81 -18.06 12.26 0.88
N ARG A 82 -18.33 12.17 2.17
CA ARG A 82 -17.58 11.29 3.07
C ARG A 82 -18.52 10.53 3.97
N VAL A 83 -18.21 9.24 4.17
CA VAL A 83 -18.91 8.39 5.11
C VAL A 83 -18.12 8.33 6.41
N HIS A 84 -18.81 8.61 7.52
CA HIS A 84 -18.20 8.62 8.86
C HIS A 84 -18.46 7.31 9.60
N LEU A 85 -17.40 6.55 9.89
CA LEU A 85 -17.49 5.35 10.74
C LEU A 85 -18.59 4.34 10.42
N ALA A 86 -18.73 3.99 9.12
CA ALA A 86 -19.62 2.92 8.67
C ALA A 86 -18.93 1.59 8.92
N GLN A 87 -19.69 0.53 9.02
CA GLN A 87 -19.02 -0.77 9.28
C GLN A 87 -18.63 -1.46 7.97
N ILE A 88 -17.36 -1.85 7.91
CA ILE A 88 -16.86 -2.73 6.84
C ILE A 88 -16.76 -4.10 7.47
N GLN A 89 -17.43 -5.07 6.87
CA GLN A 89 -17.42 -6.44 7.44
C GLN A 89 -16.30 -7.25 6.78
N ILE A 90 -15.43 -7.83 7.61
CA ILE A 90 -14.33 -8.65 7.09
C ILE A 90 -14.46 -9.96 7.84
N GLU A 91 -14.62 -11.06 7.10
CA GLU A 91 -15.02 -12.35 7.68
C GLU A 91 -16.28 -12.10 8.50
N GLY A 92 -16.27 -12.43 9.78
CA GLY A 92 -17.46 -12.15 10.60
C GLY A 92 -17.39 -10.91 11.44
N ASP A 93 -16.34 -10.10 11.27
CA ASP A 93 -16.13 -8.96 12.11
C ASP A 93 -16.58 -7.69 11.42
N PHE A 94 -17.06 -6.75 12.21
CA PHE A 94 -17.54 -5.47 11.69
C PHE A 94 -16.61 -4.39 12.22
N LEU A 95 -15.96 -3.68 11.31
CA LEU A 95 -14.95 -2.68 11.68
C LEU A 95 -15.45 -1.29 11.28
N GLN A 96 -15.46 -0.36 12.23
CA GLN A 96 -15.89 0.97 11.90
C GLN A 96 -14.79 1.71 11.13
N CYS A 97 -15.17 2.26 9.97
CA CYS A 97 -14.21 2.91 9.07
C CYS A 97 -14.84 4.14 8.44
N SER A 98 -14.06 5.20 8.28
CA SER A 98 -14.54 6.34 7.50
C SER A 98 -13.85 6.30 6.15
N PHE A 99 -14.53 6.80 5.13
CA PHE A 99 -14.00 6.78 3.76
C PHE A 99 -14.73 7.75 2.89
N SER A 100 -14.05 8.20 1.83
CA SER A 100 -14.65 9.17 0.94
C SER A 100 -15.21 8.47 -0.29
N ILE A 101 -16.11 9.16 -0.97
CA ILE A 101 -16.80 8.58 -2.12
C ILE A 101 -16.35 9.33 -3.37
N LEU A 102 -15.73 8.61 -4.30
CA LEU A 102 -15.24 9.24 -5.55
C LEU A 102 -16.07 8.82 -6.75
N GLU A 103 -16.53 9.81 -7.53
CA GLU A 103 -17.28 9.53 -8.75
C GLU A 103 -16.35 8.82 -9.74
N ASP A 104 -16.81 7.72 -10.30
CA ASP A 104 -16.09 7.05 -11.39
C ASP A 104 -14.73 6.45 -11.07
N GLN A 105 -14.42 6.27 -9.79
CA GLN A 105 -13.35 5.39 -9.41
C GLN A 105 -13.74 4.04 -9.99
N PRO A 106 -12.86 3.48 -10.81
CA PRO A 106 -13.23 2.22 -11.43
C PRO A 106 -13.50 1.17 -10.37
N MET A 107 -12.52 0.96 -9.48
N MET A 107 -12.52 0.98 -9.47
CA MET A 107 -12.69 -0.13 -8.55
CA MET A 107 -12.59 -0.06 -8.46
C MET A 107 -13.63 0.24 -7.43
C MET A 107 -13.61 0.27 -7.38
N ASP A 108 -14.27 -0.77 -6.86
CA ASP A 108 -15.31 -0.56 -5.83
C ASP A 108 -14.74 0.08 -4.57
N MET A 109 -13.57 -0.35 -4.15
N MET A 109 -13.64 -0.44 -4.04
CA MET A 109 -13.08 0.02 -2.83
CA MET A 109 -13.08 0.13 -2.82
C MET A 109 -11.57 -0.02 -2.74
C MET A 109 -11.58 0.01 -2.78
N LEU A 110 -10.96 1.07 -2.27
CA LEU A 110 -9.51 1.15 -2.10
C LEU A 110 -9.28 1.34 -0.60
N LEU A 111 -8.63 0.36 0.05
CA LEU A 111 -8.37 0.43 1.51
C LEU A 111 -7.00 1.01 1.65
N GLY A 112 -6.96 2.21 2.21
CA GLY A 112 -5.69 2.94 2.35
C GLY A 112 -5.08 2.85 3.74
N LEU A 113 -4.01 3.61 3.92
CA LEU A 113 -3.23 3.51 5.14
C LEU A 113 -3.99 4.06 6.34
N ASP A 114 -4.93 4.99 6.11
CA ASP A 114 -5.78 5.49 7.20
C ASP A 114 -6.49 4.35 7.92
N MET A 115 -7.09 3.46 7.12
N MET A 115 -7.11 3.45 7.17
CA MET A 115 -7.85 2.35 7.64
CA MET A 115 -7.85 2.38 7.82
C MET A 115 -6.91 1.31 8.23
C MET A 115 -6.93 1.25 8.24
N LEU A 116 -5.83 1.05 7.50
CA LEU A 116 -4.88 -0.02 7.89
C LEU A 116 -4.27 0.31 9.24
N ARG A 117 -3.97 1.59 9.45
N ARG A 117 -3.93 1.59 9.44
CA ARG A 117 -3.52 2.11 10.76
CA ARG A 117 -3.34 2.03 10.71
C ARG A 117 -4.61 2.03 11.84
C ARG A 117 -4.34 2.07 11.87
N ARG A 118 -5.77 2.60 11.54
N ARG A 118 -5.58 2.47 11.56
CA ARG A 118 -6.86 2.64 12.53
CA ARG A 118 -6.63 2.62 12.58
C ARG A 118 -6.93 1.27 13.22
C ARG A 118 -7.06 1.28 13.22
N HIS A 119 -7.03 0.21 12.41
CA HIS A 119 -7.31 -1.14 12.91
C HIS A 119 -6.05 -1.97 13.13
N GLN A 120 -4.90 -1.29 13.11
CA GLN A 120 -3.61 -1.89 13.48
C GLN A 120 -3.38 -3.16 12.69
N CYS A 121 -3.58 -3.05 11.38
CA CYS A 121 -3.54 -4.21 10.51
C CYS A 121 -2.14 -4.67 10.18
N SER A 122 -2.01 -5.94 9.83
N SER A 122 -2.03 -5.94 9.78
CA SER A 122 -0.79 -6.44 9.24
CA SER A 122 -0.79 -6.54 9.27
C SER A 122 -1.12 -6.94 7.85
C SER A 122 -0.98 -7.14 7.89
N ILE A 123 -0.29 -6.58 6.89
CA ILE A 123 -0.32 -7.15 5.55
C ILE A 123 0.76 -8.22 5.58
N ASP A 124 0.37 -9.49 5.72
CA ASP A 124 1.33 -10.57 5.92
C ASP A 124 1.48 -11.38 4.64
N LEU A 125 2.59 -11.19 3.95
CA LEU A 125 2.75 -11.81 2.64
C LEU A 125 3.38 -13.19 2.71
N LYS A 126 3.79 -13.60 3.90
CA LYS A 126 4.21 -14.99 4.13
C LYS A 126 2.99 -15.89 4.22
N LYS A 127 2.03 -15.52 5.08
CA LYS A 127 0.79 -16.28 5.28
C LYS A 127 -0.25 -15.96 4.23
N ASN A 128 -0.01 -14.86 3.51
CA ASN A 128 -0.92 -14.33 2.48
C ASN A 128 -2.27 -13.91 3.07
N VAL A 129 -2.19 -13.18 4.18
CA VAL A 129 -3.41 -12.71 4.87
C VAL A 129 -3.30 -11.25 5.32
N LEU A 130 -4.46 -10.59 5.37
CA LEU A 130 -4.60 -9.33 6.09
C LEU A 130 -5.05 -9.68 7.50
N VAL A 131 -4.30 -9.23 8.49
CA VAL A 131 -4.70 -9.42 9.89
C VAL A 131 -5.26 -8.11 10.40
N ILE A 132 -6.40 -8.18 11.06
CA ILE A 132 -7.00 -6.98 11.68
C ILE A 132 -6.50 -6.97 13.12
N GLY A 133 -5.61 -6.04 13.46
CA GLY A 133 -4.88 -6.15 14.74
C GLY A 133 -5.72 -6.01 15.99
N THR A 134 -6.79 -5.23 15.87
CA THR A 134 -7.63 -4.95 17.00
C THR A 134 -8.51 -6.16 17.38
N THR A 135 -8.69 -7.10 16.46
CA THR A 135 -9.55 -8.27 16.71
C THR A 135 -8.85 -9.64 16.60
N GLY A 136 -7.79 -9.70 15.81
CA GLY A 136 -7.10 -10.96 15.51
C GLY A 136 -7.69 -11.64 14.28
N THR A 137 -8.76 -11.09 13.76
CA THR A 137 -9.35 -11.61 12.48
C THR A 137 -8.39 -11.55 11.31
N GLN A 138 -8.43 -12.62 10.53
CA GLN A 138 -7.50 -12.80 9.43
C GLN A 138 -8.31 -13.16 8.21
N THR A 139 -7.95 -12.56 7.08
CA THR A 139 -8.66 -12.85 5.84
C THR A 139 -7.62 -13.06 4.72
N TYR A 140 -7.84 -14.05 3.87
CA TYR A 140 -6.85 -14.37 2.83
C TYR A 140 -6.92 -13.35 1.69
N PHE A 141 -5.76 -13.01 1.14
CA PHE A 141 -5.74 -12.22 -0.11
C PHE A 141 -6.30 -13.09 -1.23
N LEU A 142 -7.02 -12.45 -2.14
CA LEU A 142 -7.64 -13.19 -3.22
C LEU A 142 -6.61 -13.78 -4.16
N PRO A 143 -6.89 -14.99 -4.68
CA PRO A 143 -6.01 -15.56 -5.70
C PRO A 143 -6.17 -14.84 -7.05
N GLU A 144 -5.17 -14.94 -7.93
CA GLU A 144 -5.16 -14.18 -9.18
C GLU A 144 -6.49 -14.23 -9.97
N GLY A 145 -7.07 -15.43 -10.07
CA GLY A 145 -8.31 -15.66 -10.81
C GLY A 145 -9.57 -15.00 -10.24
N GLU A 146 -9.47 -14.46 -9.02
CA GLU A 146 -10.62 -13.82 -8.37
C GLU A 146 -10.46 -12.28 -8.36
N LEU A 147 -9.31 -11.75 -8.82
CA LEU A 147 -9.17 -10.29 -8.80
C LEU A 147 -10.14 -9.67 -9.79
N PRO A 148 -10.63 -8.47 -9.48
CA PRO A 148 -11.58 -7.83 -10.43
C PRO A 148 -10.95 -7.55 -11.77
N GLY B 2 -12.83 16.03 9.81
CA GLY B 2 -12.99 15.30 8.52
C GLY B 2 -11.85 15.58 7.55
N SER B 3 -11.91 14.94 6.38
CA SER B 3 -10.85 15.05 5.37
C SER B 3 -11.38 15.47 4.01
N SER B 4 -10.54 16.23 3.29
CA SER B 4 -10.85 16.78 1.96
C SER B 4 -12.06 17.72 1.98
N THR B 23 0.66 9.19 8.64
CA THR B 23 2.05 9.25 8.18
C THR B 23 2.34 8.11 7.22
N MET B 24 2.83 8.44 6.01
CA MET B 24 3.08 7.37 5.02
C MET B 24 4.24 6.48 5.48
N LEU B 25 4.26 5.23 4.99
CA LEU B 25 5.24 4.25 5.44
C LEU B 25 6.58 4.36 4.74
N TYR B 26 7.61 4.61 5.53
CA TYR B 26 8.97 4.61 5.03
C TYR B 26 9.85 3.78 5.94
N ILE B 27 10.90 3.19 5.37
CA ILE B 27 11.93 2.50 6.15
C ILE B 27 13.29 3.06 5.78
N ASN B 28 14.23 2.92 6.70
CA ASN B 28 15.63 3.10 6.38
C ASN B 28 16.17 1.85 5.71
N CYS B 29 16.96 2.04 4.64
CA CYS B 29 17.76 0.95 4.10
C CYS B 29 19.06 1.49 3.49
N LYS B 30 19.91 0.56 3.03
CA LYS B 30 21.12 0.96 2.32
C LYS B 30 21.27 0.16 1.04
N VAL B 31 21.86 0.79 0.03
CA VAL B 31 22.27 0.06 -1.18
C VAL B 31 23.74 0.42 -1.45
N ASN B 32 24.58 -0.61 -1.57
CA ASN B 32 26.02 -0.40 -1.79
C ASN B 32 26.62 0.48 -0.69
N GLY B 33 26.07 0.36 0.53
CA GLY B 33 26.56 1.10 1.70
C GLY B 33 26.04 2.52 1.89
N HIS B 34 25.21 2.96 0.95
CA HIS B 34 24.66 4.31 0.95
C HIS B 34 23.26 4.33 1.52
N PRO B 35 22.98 5.21 2.49
CA PRO B 35 21.63 5.13 3.07
C PRO B 35 20.57 5.80 2.20
N LEU B 36 19.35 5.26 2.29
CA LEU B 36 18.21 5.86 1.62
C LEU B 36 16.95 5.53 2.43
N LYS B 37 15.85 6.19 2.08
CA LYS B 37 14.58 5.93 2.77
C LYS B 37 13.63 5.44 1.70
N ALA B 38 13.01 4.29 1.93
CA ALA B 38 12.17 3.65 0.93
C ALA B 38 10.71 3.77 1.34
N PHE B 39 9.89 4.20 0.39
CA PHE B 39 8.41 4.30 0.55
C PHE B 39 7.79 2.92 0.34
N VAL B 40 7.01 2.45 1.33
CA VAL B 40 6.50 1.07 1.30
C VAL B 40 5.11 1.11 0.76
N ASP B 41 4.94 0.61 -0.48
CA ASP B 41 3.66 0.79 -1.20
C ASP B 41 3.11 -0.55 -1.72
N SER B 42 2.20 -1.16 -0.94
CA SER B 42 1.68 -2.48 -1.33
C SER B 42 0.78 -2.45 -2.58
N GLY B 43 0.38 -1.25 -2.99
CA GLY B 43 -0.43 -1.04 -4.19
C GLY B 43 0.37 -0.84 -5.46
N ALA B 44 1.70 -0.85 -5.35
CA ALA B 44 2.57 -0.67 -6.50
C ALA B 44 3.09 -2.03 -6.94
N GLN B 45 3.00 -2.33 -8.24
CA GLN B 45 3.46 -3.65 -8.67
C GLN B 45 4.98 -3.76 -8.63
N MET B 46 5.65 -2.65 -8.92
N MET B 46 5.69 -2.70 -9.01
CA MET B 46 7.08 -2.61 -9.21
CA MET B 46 7.13 -2.81 -9.21
C MET B 46 7.86 -1.78 -8.20
C MET B 46 7.94 -1.79 -8.39
N THR B 47 9.03 -2.30 -7.81
CA THR B 47 9.98 -1.50 -7.03
C THR B 47 10.79 -0.63 -7.99
N ILE B 48 10.97 0.64 -7.62
CA ILE B 48 11.58 1.63 -8.49
C ILE B 48 12.51 2.51 -7.71
N MET B 49 13.73 2.63 -8.20
CA MET B 49 14.70 3.58 -7.62
C MET B 49 14.83 4.73 -8.61
N SER B 50 14.99 5.95 -8.09
CA SER B 50 15.26 7.11 -8.97
C SER B 50 16.66 7.02 -9.58
N GLN B 51 16.82 7.64 -10.73
CA GLN B 51 18.15 7.69 -11.31
C GLN B 51 19.12 8.41 -10.38
N ALA B 52 18.67 9.51 -9.78
CA ALA B 52 19.51 10.28 -8.87
C ALA B 52 20.02 9.42 -7.71
N CYS B 53 19.14 8.55 -7.18
CA CYS B 53 19.54 7.66 -6.11
C CYS B 53 20.52 6.59 -6.61
N ALA B 54 20.28 6.05 -7.81
CA ALA B 54 21.15 5.04 -8.41
C ALA B 54 22.55 5.60 -8.59
N GLU B 55 22.63 6.85 -9.01
CA GLU B 55 23.92 7.53 -9.15
C GLU B 55 24.61 7.73 -7.78
N ARG B 56 23.86 8.22 -6.80
CA ARG B 56 24.35 8.44 -5.45
C ARG B 56 24.87 7.15 -4.81
N CYS B 57 24.15 6.05 -5.03
CA CYS B 57 24.54 4.74 -4.50
C CYS B 57 25.64 4.09 -5.31
N ASN B 58 26.00 4.74 -6.42
CA ASN B 58 27.07 4.31 -7.32
C ASN B 58 26.80 2.92 -7.93
N ILE B 59 25.58 2.72 -8.43
CA ILE B 59 25.21 1.44 -9.06
C ILE B 59 24.75 1.57 -10.52
N MET B 60 25.04 2.71 -11.16
CA MET B 60 24.71 2.91 -12.58
C MET B 60 25.26 1.83 -13.51
N ARG B 61 26.37 1.20 -13.12
CA ARG B 61 26.94 0.09 -13.89
C ARG B 61 26.02 -1.14 -13.93
N LEU B 62 25.11 -1.24 -12.96
CA LEU B 62 24.18 -2.38 -12.90
C LEU B 62 22.90 -2.17 -13.71
N VAL B 63 22.73 -0.98 -14.26
CA VAL B 63 21.52 -0.65 -15.02
C VAL B 63 21.57 -1.26 -16.43
N ASP B 64 20.66 -2.19 -16.67
CA ASP B 64 20.51 -2.82 -17.97
C ASP B 64 19.55 -1.98 -18.80
N ARG B 65 20.11 -1.28 -19.78
CA ARG B 65 19.36 -0.26 -20.50
C ARG B 65 18.49 -0.79 -21.63
N ARG B 66 18.54 -2.10 -21.85
CA ARG B 66 17.66 -2.76 -22.83
C ARG B 66 16.19 -2.75 -22.35
N TRP B 67 16.00 -2.43 -21.07
CA TRP B 67 14.68 -2.33 -20.48
C TRP B 67 14.15 -0.88 -20.45
N ALA B 68 14.83 0.02 -21.17
CA ALA B 68 14.45 1.45 -21.24
C ALA B 68 13.07 1.70 -21.88
N GLY B 69 12.38 2.74 -21.43
CA GLY B 69 11.09 3.12 -22.03
C GLY B 69 11.21 4.30 -22.98
N ARG B 78 10.18 8.56 -17.57
CA ARG B 78 10.72 7.48 -18.40
C ARG B 78 11.63 6.52 -17.63
N ILE B 79 11.39 5.22 -17.81
CA ILE B 79 12.26 4.19 -17.24
C ILE B 79 13.55 4.12 -18.06
N ILE B 80 14.69 4.28 -17.36
CA ILE B 80 16.01 4.32 -17.99
C ILE B 80 16.55 2.91 -18.21
N GLY B 81 16.19 2.01 -17.31
CA GLY B 81 16.60 0.63 -17.42
C GLY B 81 16.28 -0.14 -16.17
N ARG B 82 16.78 -1.36 -16.11
CA ARG B 82 16.45 -2.26 -15.01
C ARG B 82 17.68 -2.79 -14.32
N VAL B 83 17.64 -2.81 -12.98
CA VAL B 83 18.67 -3.47 -12.22
C VAL B 83 18.19 -4.90 -11.90
N HIS B 84 18.84 -5.90 -12.50
CA HIS B 84 18.35 -7.29 -12.38
C HIS B 84 18.67 -7.89 -11.02
N LEU B 85 19.76 -7.43 -10.43
CA LEU B 85 20.20 -8.01 -9.18
C LEU B 85 21.01 -6.97 -8.42
N ALA B 86 20.52 -6.62 -7.23
CA ALA B 86 21.26 -5.77 -6.31
C ALA B 86 20.86 -6.15 -4.89
N GLN B 87 21.74 -5.89 -3.94
CA GLN B 87 21.48 -6.17 -2.56
C GLN B 87 20.93 -4.92 -1.89
N ILE B 88 19.73 -5.02 -1.31
CA ILE B 88 19.17 -3.95 -0.49
C ILE B 88 19.37 -4.36 0.95
N GLN B 89 20.04 -3.49 1.70
CA GLN B 89 20.34 -3.79 3.09
C GLN B 89 19.29 -3.19 4.00
N ILE B 90 18.67 -4.03 4.82
CA ILE B 90 17.73 -3.56 5.85
C ILE B 90 18.22 -4.08 7.21
N GLU B 91 18.45 -3.16 8.16
CA GLU B 91 19.19 -3.50 9.38
C GLU B 91 20.47 -4.23 8.99
N GLY B 92 20.67 -5.45 9.47
CA GLY B 92 21.83 -6.25 9.07
C GLY B 92 21.60 -7.27 7.95
N ASP B 93 20.39 -7.29 7.39
CA ASP B 93 20.00 -8.20 6.30
C ASP B 93 20.44 -7.64 4.97
N PHE B 94 20.97 -8.50 4.11
CA PHE B 94 21.18 -8.13 2.72
C PHE B 94 20.21 -8.96 1.86
N LEU B 95 19.28 -8.26 1.22
CA LEU B 95 18.20 -8.89 0.46
C LEU B 95 18.39 -8.72 -1.05
N GLN B 96 18.41 -9.84 -1.78
CA GLN B 96 18.56 -9.80 -3.23
C GLN B 96 17.29 -9.27 -3.90
N CYS B 97 17.42 -8.13 -4.59
CA CYS B 97 16.30 -7.47 -5.23
C CYS B 97 16.50 -7.11 -6.70
N SER B 98 15.39 -6.87 -7.38
CA SER B 98 15.40 -6.36 -8.75
C SER B 98 14.50 -5.14 -8.74
N PHE B 99 14.88 -4.11 -9.48
CA PHE B 99 14.09 -2.90 -9.54
C PHE B 99 14.43 -2.12 -10.78
N SER B 100 13.46 -1.36 -11.28
CA SER B 100 13.70 -0.49 -12.43
C SER B 100 14.15 0.89 -11.98
N ILE B 101 14.73 1.64 -12.90
CA ILE B 101 15.24 2.96 -12.59
C ILE B 101 14.45 4.00 -13.36
N LEU B 102 13.91 4.96 -12.64
CA LEU B 102 13.04 5.98 -13.21
C LEU B 102 13.71 7.34 -13.08
N GLU B 103 13.80 8.05 -14.21
CA GLU B 103 14.29 9.42 -14.22
C GLU B 103 13.23 10.35 -13.61
N ASP B 104 13.65 11.21 -12.69
CA ASP B 104 12.77 12.23 -12.05
C ASP B 104 11.70 11.75 -11.05
N GLN B 105 11.77 10.49 -10.62
CA GLN B 105 10.95 10.05 -9.49
C GLN B 105 11.35 10.90 -8.29
N PRO B 106 10.35 11.43 -7.54
CA PRO B 106 10.74 12.32 -6.45
C PRO B 106 11.48 11.57 -5.32
N MET B 107 10.91 10.48 -4.81
CA MET B 107 11.56 9.78 -3.71
C MET B 107 12.65 8.84 -4.21
N ASP B 108 13.59 8.51 -3.35
CA ASP B 108 14.73 7.69 -3.75
C ASP B 108 14.31 6.29 -4.16
N MET B 109 13.45 5.66 -3.37
N MET B 109 13.34 5.75 -3.45
CA MET B 109 12.98 4.32 -3.71
CA MET B 109 13.00 4.33 -3.61
C MET B 109 11.54 4.08 -3.31
C MET B 109 11.52 4.07 -3.27
N LEU B 110 10.84 3.40 -4.19
CA LEU B 110 9.47 2.95 -3.97
C LEU B 110 9.59 1.44 -3.88
N LEU B 111 9.27 0.90 -2.72
CA LEU B 111 9.37 -0.54 -2.50
C LEU B 111 7.98 -1.13 -2.73
N GLY B 112 7.86 -1.93 -3.78
CA GLY B 112 6.56 -2.40 -4.21
C GLY B 112 6.30 -3.84 -3.89
N LEU B 113 5.18 -4.31 -4.42
CA LEU B 113 4.68 -5.59 -4.03
C LEU B 113 5.57 -6.73 -4.55
N ASP B 114 6.21 -6.53 -5.71
CA ASP B 114 7.15 -7.53 -6.18
C ASP B 114 8.19 -7.89 -5.13
N MET B 115 8.83 -6.90 -4.51
CA MET B 115 9.86 -7.21 -3.55
C MET B 115 9.31 -7.57 -2.17
N LEU B 116 8.20 -6.95 -1.79
CA LEU B 116 7.53 -7.36 -0.55
C LEU B 116 7.13 -8.84 -0.58
N ARG B 117 6.61 -9.31 -1.72
CA ARG B 117 6.21 -10.72 -1.85
C ARG B 117 7.44 -11.63 -1.92
N ARG B 118 8.46 -11.19 -2.66
CA ARG B 118 9.69 -12.00 -2.80
C ARG B 118 10.32 -12.38 -1.46
N HIS B 119 10.39 -11.41 -0.56
CA HIS B 119 10.97 -11.65 0.76
C HIS B 119 9.96 -11.94 1.87
N GLN B 120 8.73 -12.28 1.45
CA GLN B 120 7.66 -12.73 2.35
C GLN B 120 7.45 -11.76 3.50
N CYS B 121 7.40 -10.47 3.18
CA CYS B 121 7.36 -9.43 4.20
C CYS B 121 6.00 -9.27 4.85
N SER B 122 6.02 -8.77 6.08
N SER B 122 6.01 -8.74 6.07
CA SER B 122 4.78 -8.33 6.71
CA SER B 122 4.79 -8.31 6.78
C SER B 122 4.89 -6.82 6.97
C SER B 122 4.81 -6.83 7.12
N ILE B 123 3.86 -6.09 6.57
CA ILE B 123 3.73 -4.68 6.96
C ILE B 123 2.85 -4.69 8.21
N ASP B 124 3.47 -4.54 9.40
CA ASP B 124 2.75 -4.73 10.67
C ASP B 124 2.53 -3.38 11.35
N LEU B 125 1.29 -2.89 11.27
CA LEU B 125 0.97 -1.56 11.76
C LEU B 125 0.57 -1.57 13.24
N LYS B 126 0.58 -2.74 13.85
CA LYS B 126 0.38 -2.81 15.32
C LYS B 126 1.72 -2.64 16.00
N LYS B 127 2.72 -3.37 15.52
CA LYS B 127 4.10 -3.26 16.01
C LYS B 127 4.84 -2.05 15.39
N ASN B 128 4.29 -1.53 14.29
CA ASN B 128 4.94 -0.46 13.53
C ASN B 128 6.28 -0.87 12.92
N VAL B 129 6.32 -2.08 12.38
CA VAL B 129 7.54 -2.61 11.75
C VAL B 129 7.26 -3.24 10.42
N LEU B 130 8.25 -3.23 9.56
CA LEU B 130 8.29 -4.11 8.39
C LEU B 130 9.09 -5.35 8.79
N VAL B 131 8.48 -6.52 8.60
CA VAL B 131 9.10 -7.78 8.93
C VAL B 131 9.57 -8.43 7.65
N ILE B 132 10.83 -8.85 7.61
CA ILE B 132 11.32 -9.62 6.47
C ILE B 132 11.03 -11.09 6.82
N GLY B 133 10.13 -11.73 6.09
CA GLY B 133 9.65 -13.04 6.50
C GLY B 133 10.69 -14.14 6.36
N THR B 134 11.63 -13.94 5.45
CA THR B 134 12.62 -14.97 5.17
C THR B 134 13.73 -15.03 6.23
N THR B 135 13.88 -13.96 7.03
CA THR B 135 14.97 -13.89 8.01
C THR B 135 14.47 -13.59 9.43
N GLY B 136 13.27 -13.04 9.50
CA GLY B 136 12.67 -12.60 10.76
C GLY B 136 13.08 -11.18 11.15
N THR B 137 13.96 -10.56 10.37
CA THR B 137 14.43 -9.20 10.68
C THR B 137 13.29 -8.20 10.66
N GLN B 138 13.32 -7.24 11.58
CA GLN B 138 12.29 -6.22 11.69
C GLN B 138 12.94 -4.86 11.60
N THR B 139 12.27 -3.92 10.95
CA THR B 139 12.73 -2.53 10.93
C THR B 139 11.53 -1.61 11.19
N TYR B 140 11.74 -0.55 11.97
CA TYR B 140 10.65 0.38 12.28
C TYR B 140 10.27 1.27 11.11
N PHE B 141 8.98 1.54 10.96
CA PHE B 141 8.56 2.60 10.07
C PHE B 141 8.95 3.95 10.66
N LEU B 142 9.36 4.86 9.81
CA LEU B 142 9.89 6.13 10.29
C LEU B 142 8.76 7.04 10.77
N PRO B 143 9.01 7.78 11.85
CA PRO B 143 8.02 8.81 12.25
C PRO B 143 8.02 10.02 11.31
N GLU B 144 6.98 10.86 11.42
CA GLU B 144 6.79 11.96 10.48
C GLU B 144 8.04 12.83 10.29
N GLY B 145 8.72 13.14 11.39
CA GLY B 145 9.88 14.03 11.35
C GLY B 145 11.09 13.48 10.61
N GLU B 146 11.07 12.19 10.31
CA GLU B 146 12.19 11.52 9.66
C GLU B 146 11.91 11.21 8.19
N LEU B 147 10.72 11.60 7.72
CA LEU B 147 10.36 11.36 6.32
C LEU B 147 11.21 12.23 5.39
N PRO B 148 11.60 11.69 4.22
CA PRO B 148 12.45 12.47 3.31
C PRO B 148 11.69 13.63 2.67
P PO4 C . -14.02 11.09 9.89
O1 PO4 C . -13.91 12.29 10.83
O2 PO4 C . -12.60 10.74 9.49
O3 PO4 C . -14.52 9.95 10.79
O4 PO4 C . -14.92 11.34 8.71
C1 EDO D . -17.69 -11.15 5.40
O1 EDO D . -17.79 -12.51 5.00
C2 EDO D . -17.21 -10.26 4.27
O2 EDO D . -16.90 -10.99 3.08
UNK UNX E . -0.06 2.68 -3.89
C1 PEG F . 19.26 4.42 5.80
O1 PEG F . 18.44 5.61 5.89
C2 PEG F . 19.93 4.00 7.11
O2 PEG F . 20.63 2.77 6.89
C3 PEG F . 20.01 1.60 7.49
C4 PEG F . 20.30 0.34 6.68
O4 PEG F . 21.08 -0.61 7.44
P PO4 G . 14.43 -9.38 -13.31
O1 PO4 G . 15.62 -9.96 -12.56
O2 PO4 G . 14.80 -8.05 -13.93
O3 PO4 G . 14.02 -10.34 -14.41
O4 PO4 G . 13.29 -9.22 -12.34
P PO4 H . 25.98 9.49 0.26
O1 PO4 H . 25.23 10.55 1.02
O2 PO4 H . 26.65 10.15 -0.93
O3 PO4 H . 27.02 8.85 1.15
O4 PO4 H . 25.03 8.42 -0.21
#